data_1FY4
#
_entry.id   1FY4
#
_cell.length_a   33.132
_cell.length_b   36.774
_cell.length_c   39.639
_cell.angle_alpha   102.24
_cell.angle_beta   104.75
_cell.angle_gamma   102.85
#
_symmetry.space_group_name_H-M   'P 1'
#
loop_
_entity.id
_entity.type
_entity.pdbx_description
1 polymer TRYPSIN
2 polymer GLY-ALA-ARG
3 non-polymer 'SULFATE ION'
4 non-polymer GLYCEROL
5 water water
#
loop_
_entity_poly.entity_id
_entity_poly.type
_entity_poly.pdbx_seq_one_letter_code
_entity_poly.pdbx_strand_id
1 'polypeptide(L)'
;IVGGTSASAGDFPFIVSISRNGGPWCGGSLLNANTVLTAAHCVSGYAQSGFQIRAGSLSRTSGGITSSLSSVRVHPSYSG
NNNDLAILKLSTSIPSGGNIGYARLAASGSDPVAGSSATVAGWGATSEGGSSTPVNLLKVTVPIVSRATCRAQYGTSAIT
NQMFCAGVSSGGKDSCQGDSGGPIVDSSNTLIGAVSWGNGCARPNYSGVYASVGALRSFIDTYA
;
A
2 'polypeptide(L)' GAR B
#
loop_
_chem_comp.id
_chem_comp.type
_chem_comp.name
_chem_comp.formula
GOL non-polymer GLYCEROL 'C3 H8 O3'
SO4 non-polymer 'SULFATE ION' 'O4 S -2'
#
# COMPACT_ATOMS: atom_id res chain seq x y z
N ILE A 1 4.22 -8.93 -5.63
CA ILE A 1 3.01 -9.74 -5.31
C ILE A 1 3.29 -11.22 -5.58
N VAL A 2 3.01 -12.03 -4.56
CA VAL A 2 3.13 -13.47 -4.65
C VAL A 2 1.75 -14.06 -4.81
N GLY A 3 1.64 -15.00 -5.81
CA GLY A 3 0.40 -15.66 -6.02
C GLY A 3 -0.67 -14.85 -6.73
N GLY A 4 -0.22 -13.82 -7.43
CA GLY A 4 -1.10 -12.87 -8.09
C GLY A 4 -1.40 -13.18 -9.52
N THR A 5 -2.14 -12.22 -10.09
CA THR A 5 -2.48 -12.26 -11.51
C THR A 5 -2.20 -10.88 -12.08
N SER A 6 -2.10 -10.82 -13.42
CA SER A 6 -1.87 -9.56 -14.08
C SER A 6 -3.04 -8.58 -13.87
N ALA A 7 -2.72 -7.32 -13.51
CA ALA A 7 -3.72 -6.29 -13.54
C ALA A 7 -4.08 -5.96 -14.98
N SER A 8 -5.33 -5.55 -15.17
CA SER A 8 -5.85 -5.06 -16.45
C SER A 8 -5.76 -3.57 -16.53
N ALA A 9 -5.71 -3.02 -17.73
CA ALA A 9 -5.75 -1.56 -17.92
C ALA A 9 -6.99 -1.01 -17.23
N GLY A 10 -6.79 0.09 -16.52
N GLY A 10 -6.80 -0.04 -16.33
CA GLY A 10 -7.91 0.71 -15.87
CA GLY A 10 -7.81 0.61 -15.53
C GLY A 10 -8.16 0.10 -14.47
C GLY A 10 -8.19 0.01 -14.19
N ASP A 11 -7.49 -0.99 -14.11
N ASP A 11 -7.55 -1.05 -13.74
CA ASP A 11 -7.52 -1.41 -12.71
CA ASP A 11 -7.90 -1.72 -12.50
C ASP A 11 -6.74 -0.39 -11.85
C ASP A 11 -7.74 -0.84 -11.29
N PHE A 12 -7.10 -0.28 -10.59
N PHE A 12 -6.72 -0.01 -11.23
CA PHE A 12 -6.35 0.65 -9.70
CA PHE A 12 -6.41 0.75 -10.02
C PHE A 12 -5.97 1.93 -10.45
C PHE A 12 -5.91 2.11 -10.45
N PRO A 13 -6.88 2.83 -10.94
CA PRO A 13 -6.49 4.01 -11.72
C PRO A 13 -5.64 5.00 -10.95
N PHE A 14 -5.68 4.94 -9.62
CA PHE A 14 -4.92 5.81 -8.75
C PHE A 14 -3.54 5.27 -8.41
N ILE A 15 -3.18 4.05 -8.82
CA ILE A 15 -1.91 3.53 -8.35
C ILE A 15 -0.75 4.22 -9.06
N VAL A 16 0.32 4.41 -8.28
CA VAL A 16 1.57 4.91 -8.86
C VAL A 16 2.69 3.92 -8.49
N SER A 17 3.64 3.81 -9.42
CA SER A 17 4.90 3.16 -9.11
C SER A 17 5.88 4.26 -8.67
N ILE A 18 6.77 3.88 -7.74
CA ILE A 18 7.74 4.82 -7.19
C ILE A 18 9.13 4.20 -7.39
N SER A 19 9.93 4.85 -8.22
CA SER A 19 11.31 4.41 -8.41
C SER A 19 12.21 5.26 -7.49
N ARG A 20 13.38 4.68 -7.22
CA ARG A 20 14.40 5.37 -6.42
C ARG A 20 15.72 5.16 -7.13
N ASN A 21 16.44 6.23 -7.42
CA ASN A 21 17.70 6.13 -8.12
C ASN A 21 17.56 5.38 -9.46
N GLY A 22 16.38 5.53 -10.07
CA GLY A 22 16.11 4.93 -11.38
C GLY A 22 15.71 3.48 -11.32
N GLY A 23 15.62 2.84 -10.19
CA GLY A 23 15.30 1.43 -10.05
C GLY A 23 13.99 1.25 -9.27
N PRO A 24 13.42 0.08 -9.32
CA PRO A 24 12.16 -0.16 -8.66
C PRO A 24 12.34 0.01 -7.15
N TRP A 25 11.28 0.46 -6.48
CA TRP A 25 11.40 0.73 -5.05
C TRP A 25 10.09 0.44 -4.32
N CYS A 26 9.00 1.19 -4.57
N CYS A 26 9.02 1.13 -4.71
CA CYS A 26 7.76 1.16 -3.81
CA CYS A 26 7.79 0.89 -3.96
C CYS A 26 6.59 1.37 -4.78
C CYS A 26 6.59 1.32 -4.81
N GLY A 27 5.40 1.30 -4.19
CA GLY A 27 4.17 1.77 -4.81
C GLY A 27 3.59 2.90 -3.99
N GLY A 28 2.47 3.46 -4.51
CA GLY A 28 1.74 4.49 -3.79
C GLY A 28 0.38 4.67 -4.43
N SER A 29 -0.36 5.64 -3.85
CA SER A 29 -1.73 5.91 -4.29
C SER A 29 -1.89 7.40 -4.51
N LEU A 30 -2.39 7.78 -5.69
CA LEU A 30 -2.60 9.18 -6.04
C LEU A 30 -3.91 9.64 -5.39
N LEU A 31 -3.79 10.62 -4.48
CA LEU A 31 -4.92 11.12 -3.72
C LEU A 31 -5.62 12.28 -4.42
N ASN A 32 -4.86 13.08 -5.16
CA ASN A 32 -5.31 14.26 -5.86
C ASN A 32 -4.16 14.62 -6.79
N ALA A 33 -4.31 15.73 -7.53
CA ALA A 33 -3.37 15.99 -8.60
C ALA A 33 -1.93 16.15 -8.15
N ASN A 34 -1.68 16.57 -6.89
CA ASN A 34 -0.31 16.80 -6.46
C ASN A 34 0.08 16.00 -5.22
N THR A 35 -0.63 14.91 -4.93
CA THR A 35 -0.38 14.22 -3.67
C THR A 35 -0.44 12.73 -3.84
N VAL A 36 0.59 12.05 -3.32
CA VAL A 36 0.65 10.60 -3.26
C VAL A 36 0.75 10.15 -1.81
N LEU A 37 0.02 9.08 -1.49
CA LEU A 37 0.14 8.38 -0.22
C LEU A 37 1.01 7.16 -0.40
N THR A 38 2.01 6.97 0.45
CA THR A 38 2.83 5.77 0.40
C THR A 38 3.15 5.37 1.84
N ALA A 39 3.97 4.33 2.00
CA ALA A 39 4.42 3.95 3.32
C ALA A 39 5.55 4.87 3.75
N ALA A 40 5.57 5.24 5.02
CA ALA A 40 6.66 6.06 5.55
C ALA A 40 8.02 5.39 5.34
N HIS A 41 8.12 4.08 5.51
CA HIS A 41 9.43 3.45 5.39
C HIS A 41 9.99 3.53 3.99
N CYS A 42 9.16 3.77 3.00
CA CYS A 42 9.64 3.92 1.65
C CYS A 42 10.43 5.20 1.43
N VAL A 43 10.18 6.22 2.24
CA VAL A 43 10.73 7.56 2.00
C VAL A 43 11.48 8.14 3.17
N SER A 44 11.16 7.88 4.44
N SER A 44 11.23 7.61 4.36
CA SER A 44 11.65 8.57 5.64
CA SER A 44 11.81 8.26 5.53
C SER A 44 13.16 8.62 5.68
C SER A 44 13.30 8.04 5.50
N GLY A 45 13.69 9.85 5.75
N GLY A 45 14.08 9.10 5.73
CA GLY A 45 15.10 10.13 5.87
CA GLY A 45 15.51 8.97 5.86
C GLY A 45 15.93 9.96 4.60
C GLY A 45 16.27 8.91 4.54
N TYR A 46 15.45 9.31 3.50
N TYR A 46 15.57 9.07 3.40
CA TYR A 46 16.16 9.10 2.24
CA TYR A 46 16.26 9.07 2.14
C TYR A 46 16.19 10.41 1.44
N ALA A 47 17.17 10.67 0.62
CA ALA A 47 17.18 11.89 -0.20
C ALA A 47 15.93 11.90 -1.11
N GLN A 48 15.17 12.98 -1.02
CA GLN A 48 13.92 13.03 -1.81
C GLN A 48 14.19 13.12 -3.30
N SER A 49 15.34 13.64 -3.69
CA SER A 49 15.66 13.77 -5.10
C SER A 49 15.77 12.41 -5.79
N GLY A 50 15.95 11.32 -5.03
CA GLY A 50 16.07 10.04 -5.67
C GLY A 50 14.78 9.46 -6.23
N PHE A 51 13.64 10.03 -5.86
CA PHE A 51 12.36 9.42 -6.16
C PHE A 51 11.69 9.99 -7.43
N GLN A 52 11.01 9.12 -8.14
CA GLN A 52 10.14 9.51 -9.23
C GLN A 52 8.87 8.68 -9.14
N ILE A 53 7.73 9.32 -9.34
CA ILE A 53 6.43 8.66 -9.39
C ILE A 53 6.00 8.54 -10.85
N ARG A 54 5.32 7.42 -11.15
CA ARG A 54 4.70 7.19 -12.47
C ARG A 54 3.28 6.76 -12.25
N ALA A 55 2.34 7.45 -12.93
CA ALA A 55 0.93 7.20 -12.87
C ALA A 55 0.40 6.83 -14.26
N GLY A 56 -0.74 6.09 -14.28
CA GLY A 56 -1.42 5.88 -15.55
C GLY A 56 -0.82 4.83 -16.45
N SER A 57 -0.01 3.90 -15.92
CA SER A 57 0.60 2.86 -16.72
C SER A 57 0.61 1.55 -15.95
N LEU A 58 0.41 0.45 -16.65
CA LEU A 58 0.66 -0.86 -16.05
C LEU A 58 2.15 -1.09 -15.85
N SER A 59 3.00 -0.45 -16.62
CA SER A 59 4.41 -0.60 -16.50
C SER A 59 4.97 0.38 -15.48
N ARG A 60 5.95 -0.09 -14.72
CA ARG A 60 6.69 0.78 -13.83
C ARG A 60 7.85 1.49 -14.52
N THR A 61 8.19 1.11 -15.75
CA THR A 61 9.37 1.67 -16.42
C THR A 61 9.02 2.68 -17.48
N SER A 62 7.80 2.62 -18.01
CA SER A 62 7.47 3.32 -19.23
C SER A 62 5.98 3.67 -19.26
N GLY A 63 5.62 4.70 -19.99
CA GLY A 63 4.23 5.07 -20.17
C GLY A 63 3.72 5.97 -19.07
N GLY A 64 2.51 6.45 -19.25
CA GLY A 64 1.85 7.24 -18.24
C GLY A 64 2.55 8.60 -18.08
N ILE A 65 2.42 9.16 -16.86
CA ILE A 65 2.86 10.51 -16.49
C ILE A 65 3.76 10.38 -15.29
N THR A 66 4.90 11.10 -15.32
CA THR A 66 5.82 11.08 -14.21
C THR A 66 5.91 12.39 -13.47
N SER A 67 6.37 12.31 -12.23
CA SER A 67 6.70 13.49 -11.45
C SER A 67 7.82 13.20 -10.47
N SER A 68 8.64 14.22 -10.22
CA SER A 68 9.51 14.26 -9.06
C SER A 68 8.76 14.71 -7.82
N LEU A 69 9.44 14.71 -6.69
CA LEU A 69 8.84 15.14 -5.43
C LEU A 69 9.23 16.57 -5.08
N SER A 70 8.25 17.31 -4.53
CA SER A 70 8.49 18.60 -3.92
C SER A 70 8.68 18.53 -2.43
N SER A 71 8.03 17.58 -1.73
CA SER A 71 8.15 17.45 -0.31
C SER A 71 7.69 16.05 0.13
N VAL A 72 8.07 15.73 1.36
CA VAL A 72 7.75 14.44 1.99
C VAL A 72 7.35 14.75 3.43
N ARG A 73 6.25 14.18 3.89
CA ARG A 73 5.78 14.34 5.26
C ARG A 73 5.41 12.96 5.78
N VAL A 74 6.08 12.48 6.81
CA VAL A 74 5.73 11.20 7.43
C VAL A 74 4.76 11.44 8.54
N HIS A 75 3.98 10.42 8.88
CA HIS A 75 3.06 10.55 10.02
C HIS A 75 3.86 10.99 11.26
N PRO A 76 3.35 11.91 12.07
CA PRO A 76 4.16 12.43 13.16
C PRO A 76 4.49 11.39 14.22
N SER A 77 3.80 10.26 14.26
CA SER A 77 4.13 9.16 15.17
C SER A 77 4.72 7.95 14.48
N TYR A 78 5.22 8.12 13.28
CA TYR A 78 5.94 7.01 12.62
C TYR A 78 7.18 6.47 13.28
C TYR A 78 6.94 6.63 13.73
N SER A 79 7.26 5.17 13.42
N SER A 79 7.04 5.35 14.09
CA SER A 79 8.43 4.55 13.99
CA SER A 79 8.02 4.77 14.99
C SER A 79 8.53 3.15 13.45
C SER A 79 8.11 3.29 14.74
N GLY A 80 9.48 2.75 12.62
N GLY A 80 9.30 2.73 14.49
CA GLY A 80 9.66 1.38 12.26
CA GLY A 80 9.39 1.38 14.09
C GLY A 80 8.48 0.81 11.51
C GLY A 80 8.47 1.10 12.88
N ASN A 81 7.75 -0.12 12.12
N ASN A 81 7.66 0.06 13.01
CA ASN A 81 6.53 -0.64 11.55
CA ASN A 81 6.76 -0.39 11.91
C ASN A 81 5.27 0.20 11.90
C ASN A 81 5.42 0.30 11.89
N ASN A 82 5.26 1.04 12.96
CA ASN A 82 4.03 1.68 13.38
C ASN A 82 3.80 3.03 12.69
N ASN A 83 2.53 3.28 12.37
CA ASN A 83 2.06 4.53 11.77
C ASN A 83 2.80 4.80 10.46
N ASP A 84 2.81 3.76 9.61
CA ASP A 84 3.71 3.69 8.45
C ASP A 84 3.08 4.29 7.21
N LEU A 85 2.80 5.62 7.27
CA LEU A 85 2.28 6.35 6.11
C LEU A 85 3.05 7.65 5.96
N ALA A 86 3.14 8.08 4.70
CA ALA A 86 3.71 9.36 4.33
C ALA A 86 2.91 9.96 3.19
N ILE A 87 2.88 11.30 3.21
CA ILE A 87 2.29 12.12 2.14
C ILE A 87 3.44 12.72 1.33
N LEU A 88 3.38 12.50 0.02
CA LEU A 88 4.34 13.05 -0.91
C LEU A 88 3.63 14.14 -1.73
N LYS A 89 4.29 15.29 -1.85
CA LYS A 89 3.79 16.31 -2.77
C LYS A 89 4.58 16.27 -4.04
N LEU A 90 3.88 16.40 -5.17
CA LEU A 90 4.45 16.23 -6.48
C LEU A 90 4.86 17.56 -7.09
N SER A 91 6.02 17.56 -7.73
CA SER A 91 6.49 18.72 -8.49
C SER A 91 5.68 18.99 -9.73
N THR A 92 5.06 17.99 -10.31
CA THR A 92 4.26 18.10 -11.50
C THR A 92 2.88 17.51 -11.18
N SER A 93 1.83 18.34 -11.32
CA SER A 93 0.48 17.87 -11.06
C SER A 93 0.04 16.89 -12.14
N ILE A 94 -0.76 15.90 -11.71
CA ILE A 94 -1.20 14.81 -12.57
C ILE A 94 -2.72 14.83 -12.64
N PRO A 95 -3.31 15.12 -13.82
CA PRO A 95 -4.76 15.22 -13.92
C PRO A 95 -5.41 13.85 -13.97
N SER A 96 -6.63 13.77 -13.48
CA SER A 96 -7.43 12.59 -13.66
C SER A 96 -8.00 12.57 -15.07
N GLY A 97 -8.30 11.34 -15.53
CA GLY A 97 -8.85 11.12 -16.83
C GLY A 97 -8.16 9.95 -17.46
N GLY A 98 -8.85 9.27 -18.40
CA GLY A 98 -8.23 8.10 -19.00
C GLY A 98 -8.04 7.04 -17.90
N ASN A 99 -6.84 6.44 -17.87
CA ASN A 99 -6.50 5.42 -16.88
C ASN A 99 -5.88 5.99 -15.58
N ILE A 100 -6.06 7.29 -15.36
CA ILE A 100 -5.64 7.90 -14.11
C ILE A 100 -6.89 8.37 -13.38
N GLY A 101 -6.93 8.07 -12.08
CA GLY A 101 -7.95 8.59 -11.19
C GLY A 101 -7.36 8.78 -9.81
N TYR A 102 -8.20 9.20 -8.89
CA TYR A 102 -7.79 9.47 -7.52
C TYR A 102 -8.45 8.46 -6.59
N ALA A 103 -7.78 8.13 -5.49
CA ALA A 103 -8.29 7.16 -4.53
C ALA A 103 -9.46 7.72 -3.72
N ARG A 104 -10.36 6.89 -3.20
N ARG A 104 -10.38 6.71 -3.74
CA ARG A 104 -11.35 7.22 -2.19
CA ARG A 104 -11.48 6.78 -2.82
C ARG A 104 -10.93 6.51 -0.91
C ARG A 104 -10.98 6.13 -1.56
N LEU A 105 -10.87 7.29 0.18
N LEU A 105 -11.01 6.81 -0.45
CA LEU A 105 -10.28 6.80 1.42
CA LEU A 105 -10.47 6.33 0.80
C LEU A 105 -11.28 6.25 2.39
C LEU A 105 -11.50 5.66 1.67
N ALA A 106 -10.87 5.23 3.18
N ALA A 106 -11.09 4.60 2.38
CA ALA A 106 -11.65 4.75 4.29
CA ALA A 106 -11.89 4.00 3.41
C ALA A 106 -11.87 5.91 5.31
C ALA A 106 -12.35 5.04 4.42
N ALA A 107 -12.98 5.85 6.00
N ALA A 107 -13.59 4.87 4.96
CA ALA A 107 -13.35 6.88 6.96
CA ALA A 107 -14.15 5.81 5.92
C ALA A 107 -12.53 6.85 8.22
C ALA A 107 -13.30 5.95 7.16
N SER A 108 -12.37 8.01 8.84
N SER A 108 -13.25 7.14 7.74
CA SER A 108 -11.74 8.05 10.17
CA SER A 108 -12.53 7.39 9.00
C SER A 108 -12.58 7.24 11.16
C SER A 108 -13.09 6.52 10.12
N GLY A 109 -11.93 6.35 11.87
N GLY A 109 -12.23 5.69 10.70
CA GLY A 109 -12.58 5.49 12.85
CA GLY A 109 -12.69 4.82 11.78
C GLY A 109 -12.89 4.08 12.29
C GLY A 109 -13.07 3.42 11.31
N SER A 110 -12.74 3.88 11.01
N SER A 110 -13.10 3.16 10.02
CA SER A 110 -13.06 2.56 10.45
CA SER A 110 -13.44 1.84 9.53
C SER A 110 -11.91 1.58 10.63
C SER A 110 -12.23 0.91 9.81
N ASP A 111 -12.25 0.29 10.55
N ASP A 111 -12.52 -0.37 9.89
CA ASP A 111 -11.29 -0.81 10.74
CA ASP A 111 -11.52 -1.39 10.13
C ASP A 111 -11.78 -1.96 9.88
C ASP A 111 -11.93 -2.58 9.29
N PRO A 112 -10.98 -2.53 9.02
N PRO A 112 -11.08 -3.08 8.38
CA PRO A 112 -11.47 -3.63 8.15
CA PRO A 112 -11.54 -4.18 7.53
C PRO A 112 -11.88 -4.85 8.95
C PRO A 112 -11.97 -5.43 8.29
N VAL A 113 -13.02 -5.46 8.56
N VAL A 113 -13.16 -5.93 7.95
CA VAL A 113 -13.61 -6.56 9.29
CA VAL A 113 -13.70 -7.08 8.64
C VAL A 113 -12.98 -7.89 8.87
C VAL A 113 -13.00 -8.38 8.28
N ALA A 114 -12.68 -8.71 9.85
N ALA A 114 -12.67 -9.16 9.31
CA ALA A 114 -12.09 -10.01 9.60
CA ALA A 114 -12.03 -10.44 9.12
C ALA A 114 -12.92 -10.78 8.59
C ALA A 114 -12.84 -11.29 8.13
N GLY A 115 -12.25 -11.43 7.66
N GLY A 115 -12.10 -11.87 7.20
CA GLY A 115 -12.82 -12.30 6.70
CA GLY A 115 -12.75 -12.66 6.18
C GLY A 115 -13.28 -11.64 5.44
C GLY A 115 -13.36 -11.68 5.18
N SER A 116 -13.38 -10.34 5.38
CA SER A 116 -13.78 -9.59 4.18
C SER A 116 -12.66 -9.67 3.14
N SER A 117 -13.06 -9.45 1.90
CA SER A 117 -12.09 -9.61 0.79
C SER A 117 -11.40 -8.32 0.47
N ALA A 118 -10.09 -8.37 0.32
CA ALA A 118 -9.28 -7.21 -0.05
C ALA A 118 -8.43 -7.55 -1.20
N THR A 119 -8.01 -6.52 -1.99
CA THR A 119 -7.17 -6.70 -3.13
C THR A 119 -5.97 -5.77 -3.02
N VAL A 120 -4.78 -6.32 -3.17
CA VAL A 120 -3.53 -5.58 -3.08
C VAL A 120 -2.81 -5.66 -4.43
N ALA A 121 -2.05 -4.62 -4.78
CA ALA A 121 -1.41 -4.57 -6.08
C ALA A 121 -0.03 -3.95 -5.97
N GLY A 122 0.86 -4.35 -6.87
CA GLY A 122 2.17 -3.74 -6.95
C GLY A 122 3.08 -4.44 -7.95
N TRP A 123 4.30 -3.92 -7.96
CA TRP A 123 5.39 -4.34 -8.82
C TRP A 123 6.51 -5.03 -8.05
N GLY A 124 6.21 -5.50 -6.87
CA GLY A 124 7.23 -6.18 -6.08
C GLY A 124 7.48 -7.62 -6.58
N ALA A 125 8.45 -8.26 -5.93
CA ALA A 125 8.85 -9.60 -6.27
C ALA A 125 7.67 -10.54 -6.20
N THR A 126 7.97 -11.62 -6.93
N THR A 126 7.70 -11.55 -7.11
CA THR A 126 6.98 -12.69 -6.86
CA THR A 126 6.72 -12.62 -7.34
C THR A 126 7.44 -13.86 -6.03
C THR A 126 7.05 -13.94 -6.63
N SER A 127 8.58 -13.74 -5.36
N SER A 127 8.25 -13.93 -6.03
CA SER A 127 9.05 -14.66 -4.35
CA SER A 127 8.72 -14.97 -5.14
C SER A 127 9.91 -13.87 -3.36
C SER A 127 9.29 -14.30 -3.89
N GLU A 128 10.03 -14.40 -2.15
N GLU A 128 9.07 -14.82 -2.70
CA GLU A 128 10.93 -13.77 -1.19
CA GLU A 128 9.87 -14.35 -1.58
C GLU A 128 12.33 -13.72 -1.75
C GLU A 128 11.32 -14.48 -2.04
N GLY A 129 12.93 -12.52 -1.72
N GLY A 129 12.13 -13.47 -1.86
CA GLY A 129 14.28 -12.39 -2.17
CA GLY A 129 13.51 -13.63 -2.40
C GLY A 129 14.40 -12.44 -3.67
C GLY A 129 13.77 -13.62 -3.88
N GLY A 130 13.33 -12.38 -4.42
N GLY A 130 12.83 -13.10 -4.68
CA GLY A 130 13.36 -12.50 -5.85
CA GLY A 130 13.14 -13.17 -6.11
C GLY A 130 14.39 -11.88 -6.70
C GLY A 130 14.14 -12.16 -6.68
N SER A 131 14.84 -12.57 -7.77
CA SER A 131 15.96 -11.92 -8.43
C SER A 131 15.57 -10.93 -9.51
N SER A 132 14.31 -10.85 -9.81
CA SER A 132 13.83 -9.86 -10.76
C SER A 132 12.36 -9.61 -10.37
N THR A 133 12.04 -8.38 -10.75
CA THR A 133 10.77 -7.85 -10.44
C THR A 133 9.98 -7.57 -11.74
N PRO A 134 8.65 -7.78 -11.70
CA PRO A 134 7.90 -7.64 -12.93
C PRO A 134 7.84 -6.17 -13.40
N VAL A 135 7.78 -6.04 -14.70
CA VAL A 135 7.56 -4.71 -15.31
C VAL A 135 6.11 -4.27 -15.15
N ASN A 136 5.16 -5.21 -15.30
CA ASN A 136 3.76 -4.87 -15.28
C ASN A 136 3.12 -5.26 -13.94
N LEU A 137 2.13 -4.43 -13.58
CA LEU A 137 1.45 -4.50 -12.31
C LEU A 137 0.72 -5.87 -12.12
N LEU A 138 0.87 -6.39 -10.90
CA LEU A 138 0.18 -7.61 -10.47
C LEU A 138 -0.78 -7.24 -9.33
N LYS A 139 -1.77 -8.13 -9.11
CA LYS A 139 -2.72 -7.95 -8.04
C LYS A 139 -3.05 -9.31 -7.43
N VAL A 140 -3.51 -9.33 -6.19
CA VAL A 140 -3.94 -10.55 -5.55
C VAL A 140 -5.02 -10.22 -4.56
N THR A 141 -5.98 -11.15 -4.36
CA THR A 141 -7.05 -10.98 -3.42
C THR A 141 -6.82 -11.88 -2.19
N VAL A 142 -6.93 -11.30 -1.04
CA VAL A 142 -6.68 -12.02 0.22
C VAL A 142 -7.74 -11.57 1.24
N PRO A 143 -8.11 -12.40 2.20
CA PRO A 143 -9.04 -11.98 3.23
C PRO A 143 -8.34 -11.22 4.35
N ILE A 144 -9.09 -10.33 4.96
CA ILE A 144 -8.63 -9.69 6.18
C ILE A 144 -8.49 -10.75 7.28
N VAL A 145 -7.44 -10.66 8.04
CA VAL A 145 -7.16 -11.47 9.22
C VAL A 145 -7.41 -10.64 10.46
N SER A 146 -8.14 -11.16 11.44
CA SER A 146 -8.44 -10.38 12.61
C SER A 146 -7.16 -9.91 13.29
N ARG A 147 -7.26 -8.76 13.92
CA ARG A 147 -6.13 -8.24 14.67
C ARG A 147 -5.72 -9.20 15.76
N ALA A 148 -6.70 -9.88 16.40
CA ALA A 148 -6.40 -10.84 17.44
C ALA A 148 -5.55 -11.99 16.89
N THR A 149 -5.93 -12.58 15.74
CA THR A 149 -5.13 -13.63 15.15
C THR A 149 -3.76 -13.12 14.74
N CYS A 150 -3.71 -11.93 14.15
CA CYS A 150 -2.44 -11.37 13.75
C CYS A 150 -1.51 -11.18 14.96
N ARG A 151 -2.06 -10.74 16.08
CA ARG A 151 -1.29 -10.61 17.33
C ARG A 151 -0.85 -11.98 17.83
N ALA A 152 -1.60 -13.03 17.63
CA ALA A 152 -1.14 -14.36 18.01
C ALA A 152 0.06 -14.76 17.12
N GLN A 153 0.09 -14.33 15.87
CA GLN A 153 1.20 -14.63 14.96
C GLN A 153 2.46 -13.86 15.29
N TYR A 154 2.31 -12.54 15.53
CA TYR A 154 3.43 -11.62 15.62
C TYR A 154 3.78 -11.14 17.01
N GLY A 155 2.85 -11.26 17.95
CA GLY A 155 2.98 -10.70 19.26
C GLY A 155 1.94 -9.60 19.50
N THR A 156 1.50 -9.49 20.74
CA THR A 156 0.48 -8.51 21.08
C THR A 156 0.88 -7.08 20.78
N SER A 157 2.07 -6.69 21.19
CA SER A 157 2.49 -5.30 20.98
C SER A 157 2.86 -5.02 19.52
N ALA A 158 3.20 -6.04 18.76
CA ALA A 158 3.71 -5.87 17.42
C ALA A 158 2.65 -5.38 16.44
N ILE A 159 1.41 -5.69 16.70
CA ILE A 159 0.32 -5.28 15.83
C ILE A 159 -0.48 -4.22 16.58
N THR A 160 -0.44 -2.99 16.09
CA THR A 160 -1.09 -1.87 16.76
C THR A 160 -2.45 -1.62 16.16
N ASN A 161 -3.16 -0.66 16.78
CA ASN A 161 -4.48 -0.28 16.25
C ASN A 161 -4.38 0.54 14.96
N GLN A 162 -3.16 0.86 14.49
CA GLN A 162 -2.98 1.54 13.22
C GLN A 162 -2.50 0.60 12.13
N MET A 163 -2.58 -0.70 12.39
CA MET A 163 -2.25 -1.74 11.43
C MET A 163 -3.45 -2.67 11.28
N PHE A 164 -3.58 -3.30 10.11
CA PHE A 164 -4.49 -4.44 9.97
C PHE A 164 -3.76 -5.47 9.15
N CYS A 165 -4.30 -6.70 9.16
CA CYS A 165 -3.63 -7.82 8.55
C CYS A 165 -4.47 -8.47 7.48
N ALA A 166 -3.81 -9.13 6.53
CA ALA A 166 -4.54 -9.84 5.47
C ALA A 166 -3.64 -10.94 4.95
N GLY A 167 -4.24 -12.05 4.56
CA GLY A 167 -3.48 -13.19 4.05
C GLY A 167 -4.29 -14.46 4.20
N VAL A 168 -3.69 -15.56 3.73
CA VAL A 168 -4.35 -16.87 3.82
C VAL A 168 -3.55 -17.72 4.76
N SER A 169 -4.19 -18.50 5.63
CA SER A 169 -3.47 -19.14 6.74
C SER A 169 -2.39 -20.11 6.23
N SER A 170 -2.74 -20.76 5.11
CA SER A 170 -1.77 -21.68 4.51
C SER A 170 -0.72 -20.97 3.69
N GLY A 171 -0.78 -19.64 3.55
CA GLY A 171 0.19 -18.95 2.72
C GLY A 171 -0.12 -18.93 1.24
N GLY A 172 0.81 -18.35 0.51
CA GLY A 172 0.83 -18.44 -0.94
C GLY A 172 0.34 -17.21 -1.71
N LYS A 173 -0.29 -16.28 -1.01
CA LYS A 173 -0.83 -15.05 -1.58
C LYS A 173 -0.44 -13.88 -0.68
N ASP A 174 0.29 -12.90 -1.19
CA ASP A 174 0.69 -11.80 -0.32
C ASP A 174 1.34 -10.72 -1.17
N SER A 175 1.52 -9.55 -0.54
CA SER A 175 2.45 -8.55 -0.99
C SER A 175 3.88 -8.96 -0.59
N CYS A 176 4.87 -8.33 -1.21
N CYS A 176 4.87 -8.40 -1.28
CA CYS A 176 6.25 -8.69 -0.92
CA CYS A 176 6.28 -8.75 -1.19
C CYS A 176 7.18 -7.52 -1.26
C CYS A 176 7.15 -7.51 -1.15
N GLN A 177 8.47 -7.68 -1.00
CA GLN A 177 9.43 -6.60 -1.17
C GLN A 177 9.21 -5.96 -2.52
N GLY A 178 9.16 -4.67 -2.56
CA GLY A 178 8.91 -3.79 -3.66
C GLY A 178 7.43 -3.40 -3.80
N ASP A 179 6.54 -4.06 -3.08
CA ASP A 179 5.13 -3.69 -3.04
C ASP A 179 4.85 -2.64 -1.97
N SER A 180 5.80 -2.39 -1.05
CA SER A 180 5.55 -1.47 0.05
C SER A 180 5.02 -0.15 -0.48
N GLY A 181 4.06 0.39 0.32
CA GLY A 181 3.47 1.66 0.04
C GLY A 181 2.29 1.63 -0.94
N GLY A 182 2.19 0.56 -1.71
CA GLY A 182 1.09 0.47 -2.64
C GLY A 182 -0.21 0.08 -1.96
N PRO A 183 -1.29 0.12 -2.75
CA PRO A 183 -2.64 0.07 -2.20
C PRO A 183 -3.16 -1.33 -1.92
N ILE A 184 -3.95 -1.40 -0.84
CA ILE A 184 -4.87 -2.49 -0.59
C ILE A 184 -6.27 -1.83 -0.48
N VAL A 185 -7.28 -2.34 -1.23
N VAL A 185 -7.00 -2.56 -1.39
CA VAL A 185 -8.65 -1.80 -1.23
CA VAL A 185 -8.37 -2.14 -1.60
C VAL A 185 -9.61 -2.87 -0.73
C VAL A 185 -9.32 -3.21 -1.12
N ASP A 186 -10.77 -2.41 -0.28
N ASP A 186 -10.51 -2.74 -0.78
CA ASP A 186 -11.81 -3.34 0.13
CA ASP A 186 -11.60 -3.66 -0.55
C ASP A 186 -12.73 -3.68 -1.02
C ASP A 186 -12.15 -4.14 -1.87
N SER A 187 -13.82 -4.40 -0.71
N SER A 187 -13.22 -4.97 -1.81
CA SER A 187 -14.75 -4.89 -1.69
CA SER A 187 -13.76 -5.56 -3.01
C SER A 187 -15.64 -3.79 -2.28
C SER A 187 -14.43 -4.54 -3.89
N SER A 188 -15.58 -2.59 -1.80
N SER A 188 -14.68 -3.33 -3.41
CA SER A 188 -16.20 -1.40 -2.34
CA SER A 188 -15.22 -2.23 -4.17
C SER A 188 -15.17 -0.60 -3.16
C SER A 188 -14.15 -1.34 -4.81
N ASN A 189 -13.92 -1.05 -3.28
N ASN A 189 -12.88 -1.66 -4.59
CA ASN A 189 -12.82 -0.36 -3.98
CA ASN A 189 -11.75 -0.82 -5.01
C ASN A 189 -12.38 0.88 -3.21
C ASN A 189 -11.55 0.44 -4.17
N THR A 190 -12.66 0.93 -1.93
N THR A 190 -12.17 0.57 -3.00
CA THR A 190 -12.18 2.01 -1.06
CA THR A 190 -11.85 1.62 -2.08
C THR A 190 -10.77 1.68 -0.57
C THR A 190 -10.54 1.36 -1.33
N LEU A 191 -9.89 2.69 -0.57
N LEU A 191 -9.69 2.33 -1.20
CA LEU A 191 -8.52 2.49 -0.11
CA LEU A 191 -8.38 2.18 -0.57
C LEU A 191 -8.51 2.37 1.42
C LEU A 191 -8.47 2.04 0.93
N ILE A 192 -8.20 1.16 1.90
N ILE A 192 -8.01 0.90 1.51
CA ILE A 192 -8.17 0.91 3.31
CA ILE A 192 -8.10 0.58 2.95
C ILE A 192 -6.72 0.74 3.75
C ILE A 192 -6.76 0.79 3.83
N GLY A 193 -5.69 0.61 2.96
CA GLY A 193 -4.36 0.53 3.56
C GLY A 193 -3.28 0.70 2.51
N ALA A 194 -2.05 0.70 3.07
CA ALA A 194 -0.83 0.65 2.27
C ALA A 194 -0.01 -0.56 2.75
N VAL A 195 0.62 -1.24 1.78
CA VAL A 195 1.54 -2.34 2.10
C VAL A 195 2.62 -1.85 3.05
N SER A 196 2.83 -2.58 4.14
CA SER A 196 3.74 -2.09 5.18
C SER A 196 4.84 -3.11 5.53
N TRP A 197 4.51 -4.24 6.13
CA TRP A 197 5.57 -5.14 6.60
C TRP A 197 4.98 -6.53 6.79
N GLY A 198 5.89 -7.48 7.10
CA GLY A 198 5.47 -8.82 7.42
C GLY A 198 6.72 -9.68 7.62
N ASN A 199 6.50 -10.92 8.11
CA ASN A 199 7.59 -11.84 8.25
C ASN A 199 7.74 -12.66 6.97
N GLY A 200 8.71 -12.31 6.14
CA GLY A 200 8.76 -12.94 4.84
C GLY A 200 7.57 -12.52 3.97
N CYS A 201 7.23 -13.32 3.00
CA CYS A 201 6.13 -13.07 2.09
C CYS A 201 5.34 -14.34 1.83
N ALA A 202 4.04 -14.32 2.04
CA ALA A 202 3.15 -15.40 1.74
C ALA A 202 3.48 -16.68 2.54
N ARG A 203 4.07 -16.51 3.72
CA ARG A 203 4.30 -17.67 4.57
C ARG A 203 3.05 -18.08 5.29
N PRO A 204 2.91 -19.39 5.53
CA PRO A 204 1.80 -19.83 6.36
C PRO A 204 1.97 -19.17 7.74
N ASN A 205 0.80 -18.79 8.24
CA ASN A 205 0.71 -18.29 9.61
C ASN A 205 1.47 -16.99 9.91
N TYR A 206 1.81 -16.22 8.88
CA TYR A 206 2.35 -14.89 9.07
C TYR A 206 1.71 -13.99 8.03
N SER A 207 0.65 -13.28 8.47
CA SER A 207 -0.13 -12.42 7.59
C SER A 207 0.71 -11.25 7.09
N GLY A 208 0.31 -10.69 5.95
CA GLY A 208 0.81 -9.39 5.59
C GLY A 208 0.22 -8.33 6.51
N VAL A 209 1.02 -7.31 6.84
CA VAL A 209 0.59 -6.25 7.74
C VAL A 209 0.57 -4.95 6.93
N TYR A 210 -0.52 -4.20 7.11
CA TYR A 210 -0.84 -3.03 6.31
C TYR A 210 -1.07 -1.86 7.25
N ALA A 211 -0.61 -0.66 6.80
CA ALA A 211 -0.93 0.58 7.51
C ALA A 211 -2.39 0.93 7.22
N SER A 212 -3.16 1.25 8.28
CA SER A 212 -4.56 1.47 8.15
C SER A 212 -4.92 2.95 7.83
N VAL A 213 -5.52 3.15 6.70
N VAL A 213 -5.53 3.00 6.53
CA VAL A 213 -5.95 4.50 6.31
CA VAL A 213 -6.15 4.22 5.94
C VAL A 213 -6.97 5.02 7.24
C VAL A 213 -7.29 4.67 6.86
N GLY A 214 -7.92 4.16 7.64
N GLY A 214 -8.22 3.76 7.22
CA GLY A 214 -8.97 4.59 8.60
CA GLY A 214 -9.31 4.07 8.12
C GLY A 214 -8.40 5.14 9.89
C GLY A 214 -8.80 4.64 9.41
N ALA A 215 -7.37 4.45 10.41
N ALA A 215 -7.73 4.08 9.99
CA ALA A 215 -6.75 4.85 11.65
CA ALA A 215 -7.17 4.55 11.24
C ALA A 215 -5.91 6.13 11.50
C ALA A 215 -6.40 5.86 11.12
N LEU A 216 -5.41 6.42 10.32
N LEU A 216 -5.85 6.21 10.01
CA LEU A 216 -4.45 7.50 10.11
CA LEU A 216 -4.88 7.29 9.80
C LEU A 216 -5.05 8.60 9.23
C LEU A 216 -5.48 8.39 8.96
N ARG A 217 -6.37 8.59 9.13
N ARG A 217 -6.80 8.46 8.88
CA ARG A 217 -7.07 9.41 8.18
CA ARG A 217 -7.43 9.49 8.08
C ARG A 217 -6.97 10.91 8.53
C ARG A 217 -7.08 10.92 8.53
N SER A 218 -6.91 11.21 9.83
CA SER A 218 -6.76 12.60 10.20
C SER A 218 -5.48 13.20 9.66
N PHE A 219 -4.39 12.45 9.76
CA PHE A 219 -3.09 12.87 9.17
C PHE A 219 -3.23 13.07 7.66
N ILE A 220 -3.83 12.07 7.01
CA ILE A 220 -3.97 12.18 5.55
C ILE A 220 -4.74 13.43 5.17
N ASP A 221 -5.87 13.67 5.84
CA ASP A 221 -6.72 14.82 5.50
C ASP A 221 -6.05 16.15 5.76
N THR A 222 -5.19 16.18 6.78
CA THR A 222 -4.51 17.42 7.11
C THR A 222 -3.61 17.88 5.96
N TYR A 223 -2.93 16.92 5.37
CA TYR A 223 -1.88 17.25 4.43
C TYR A 223 -2.22 16.99 2.99
N ALA A 224 -3.27 16.24 2.67
CA ALA A 224 -3.63 15.95 1.32
C ALA A 224 -3.99 17.22 0.55
N GLY B 1 11.54 -6.39 8.45
CA GLY B 1 10.34 -7.01 7.89
C GLY B 1 9.65 -6.15 6.86
N ALA B 2 10.17 -4.95 6.60
CA ALA B 2 9.57 -3.98 5.69
C ALA B 2 9.48 -4.37 4.23
N ARG B 3 8.36 -4.01 3.59
CA ARG B 3 8.15 -4.43 2.22
C ARG B 3 8.58 -3.22 1.27
S SO4 C . 14.88 -3.71 -13.14
O1 SO4 C . 15.22 -3.69 -11.71
O2 SO4 C . 16.10 -3.87 -13.96
O3 SO4 C . 14.15 -2.47 -13.55
O4 SO4 C . 13.98 -4.89 -13.20
C1 GOL D . -10.31 -6.49 14.04
O1 GOL D . -9.29 -6.94 13.26
C2 GOL D . -11.49 -7.31 13.85
O2 GOL D . -11.27 -8.65 14.12
C3 GOL D . -12.03 -7.27 12.49
O3 GOL D . -13.21 -7.90 12.18
C1 GOL E . -8.60 0.76 15.12
O1 GOL E . -7.97 0.44 13.94
C2 GOL E . -8.95 2.13 15.50
O2 GOL E . -9.31 2.21 16.85
C3 GOL E . -9.83 2.81 14.57
O3 GOL E . -10.06 4.13 14.86
C1 GOL F . -3.23 1.61 -16.04
O1 GOL F . -4.05 1.04 -16.98
C2 GOL F . -3.79 1.50 -14.67
O2 GOL F . -5.11 1.97 -14.61
C3 GOL F . -2.82 1.63 -13.62
O3 GOL F . -1.95 2.65 -13.62
C1 GOL G . -9.32 -2.35 -7.50
O1 GOL G . -10.08 -1.32 -6.94
C2 GOL G . -9.76 -2.69 -8.86
O2 GOL G . -9.43 -1.78 -9.85
C3 GOL G . -9.17 -3.88 -9.36
O3 GOL G . -9.21 -5.11 -8.72
#